data_6IR7
#
_entry.id   6IR7
#
_cell.length_a   47.295
_cell.length_b   51.152
_cell.length_c   48.506
_cell.angle_alpha   90.00
_cell.angle_beta   100.79
_cell.angle_gamma   90.00
#
_symmetry.space_group_name_H-M   'P 1 21 1'
#
loop_
_entity.id
_entity.type
_entity.pdbx_description
1 polymer 'Green fluorescent protein'
2 non-polymer 6-HYDROXY-L-NORLEUCINE
3 non-polymer 'SULFATE ION'
4 non-polymer '2-(N-MORPHOLINO)-ETHANESULFONIC ACID'
5 water water
#
_entity_poly.entity_id   1
_entity_poly.type   'polypeptide(L)'
_entity_poly.pdbx_seq_one_letter_code
;GSKGEELFTGVVPILVELDGDVNGHKFSVSGEGEGDATYGKLTLKFICTTGKLPVPWPTLVTTF(CRO)VQCFSRYPDHM
KRHDFFKSAMPEGYVQERTISFKDDGNYKTRAEVKFEGDTLVNRIELKGIDFKEDGNILGHKLEYNYNSHNVYITADKQK
NGIKANFKIRHNIEDGSVQLADHYQQNTPIGDGPVLLPDNHYLSTQSKLSKDPNEKRDHMVLLEFVTAAGITHGMDELY
;
_entity_poly.pdbx_strand_id   A
#
# COMPACT_ATOMS: atom_id res chain seq x y z
N GLY A 4 0.92 12.98 -15.97
CA GLY A 4 0.24 12.36 -14.84
C GLY A 4 0.45 13.07 -13.52
N GLU A 5 1.62 13.66 -13.32
CA GLU A 5 1.88 14.31 -12.04
C GLU A 5 0.97 15.53 -11.84
N GLU A 6 0.49 16.10 -12.92
CA GLU A 6 -0.41 17.25 -12.86
C GLU A 6 -1.72 16.92 -12.14
N LEU A 7 -2.09 15.65 -12.14
CA LEU A 7 -3.34 15.20 -11.52
C LEU A 7 -3.25 15.16 -9.99
N PHE A 8 -2.07 15.40 -9.45
CA PHE A 8 -1.82 15.22 -8.04
C PHE A 8 -1.38 16.50 -7.33
N THR A 9 -1.50 17.64 -8.01
CA THR A 9 -1.08 18.90 -7.40
C THR A 9 -1.97 19.36 -6.24
N GLY A 10 -3.20 18.84 -6.18
CA GLY A 10 -4.12 19.19 -5.09
C GLY A 10 -4.57 17.97 -4.31
N VAL A 11 -5.57 18.16 -3.47
CA VAL A 11 -6.18 17.07 -2.71
C VAL A 11 -7.07 16.23 -3.63
N VAL A 12 -6.86 14.91 -3.61
CA VAL A 12 -7.55 13.99 -4.52
C VAL A 12 -8.39 13.01 -3.70
N PRO A 13 -9.69 12.87 -4.02
CA PRO A 13 -10.48 11.86 -3.29
C PRO A 13 -10.04 10.45 -3.67
N ILE A 14 -10.08 9.55 -2.70
CA ILE A 14 -9.66 8.16 -2.87
C ILE A 14 -10.80 7.21 -2.50
N LEU A 15 -10.97 6.16 -3.31
CA LEU A 15 -11.85 5.05 -3.00
C LEU A 15 -11.06 3.77 -3.06
N VAL A 16 -11.15 2.95 -2.02
CA VAL A 16 -10.50 1.64 -1.99
C VAL A 16 -11.55 0.57 -1.86
N GLU A 17 -11.46 -0.48 -2.69
CA GLU A 17 -12.40 -1.59 -2.64
C GLU A 17 -11.60 -2.88 -2.58
N LEU A 18 -11.87 -3.72 -1.59
CA LEU A 18 -11.19 -5.00 -1.50
C LEU A 18 -12.20 -6.14 -1.38
N ASP A 19 -12.00 -7.17 -2.20
CA ASP A 19 -12.73 -8.43 -2.09
C ASP A 19 -11.75 -9.48 -1.63
N GLY A 20 -12.03 -10.14 -0.52
CA GLY A 20 -11.09 -11.08 0.07
C GLY A 20 -11.69 -12.43 0.37
N ASP A 21 -10.83 -13.44 0.45
CA ASP A 21 -11.23 -14.78 0.80
C ASP A 21 -10.10 -15.43 1.57
N VAL A 22 -10.32 -15.68 2.86
CA VAL A 22 -9.31 -16.30 3.74
C VAL A 22 -9.99 -17.27 4.72
N ASN A 23 -9.50 -18.50 4.81
CA ASN A 23 -9.97 -19.49 5.79
C ASN A 23 -11.49 -19.68 5.86
N GLY A 24 -12.13 -19.81 4.70
CA GLY A 24 -13.56 -20.06 4.65
C GLY A 24 -14.39 -18.81 4.88
N HIS A 25 -13.74 -17.66 4.96
CA HIS A 25 -14.43 -16.39 5.19
C HIS A 25 -14.28 -15.47 3.99
N LYS A 26 -15.41 -15.19 3.34
CA LYS A 26 -15.44 -14.17 2.30
C LYS A 26 -15.71 -12.84 2.97
N PHE A 27 -14.96 -11.81 2.58
CA PHE A 27 -15.17 -10.50 3.18
C PHE A 27 -14.93 -9.40 2.18
N SER A 28 -15.51 -8.23 2.48
CA SER A 28 -15.36 -7.06 1.64
C SER A 28 -15.03 -5.87 2.51
N VAL A 29 -14.18 -5.00 1.99
CA VAL A 29 -13.83 -3.76 2.65
C VAL A 29 -13.97 -2.61 1.67
N SER A 30 -14.55 -1.53 2.15
CA SER A 30 -14.58 -0.28 1.39
CA SER A 30 -14.58 -0.29 1.38
CA SER A 30 -14.58 -0.29 1.38
C SER A 30 -13.87 0.81 2.18
N GLY A 31 -13.01 1.56 1.51
CA GLY A 31 -12.31 2.65 2.16
C GLY A 31 -12.50 3.95 1.42
N GLU A 32 -12.51 5.05 2.15
CA GLU A 32 -12.69 6.35 1.54
C GLU A 32 -11.82 7.37 2.25
N GLY A 33 -11.36 8.36 1.50
CA GLY A 33 -10.63 9.46 2.10
C GLY A 33 -9.98 10.29 1.03
N GLU A 34 -8.76 10.75 1.26
CA GLU A 34 -8.14 11.63 0.28
C GLU A 34 -6.62 11.57 0.42
N GLY A 35 -5.96 11.98 -0.64
CA GLY A 35 -4.51 12.01 -0.69
C GLY A 35 -4.03 13.37 -1.14
N ASP A 36 -2.92 13.79 -0.58
CA ASP A 36 -2.31 15.08 -0.90
C ASP A 36 -0.82 14.81 -1.14
N ALA A 37 -0.48 14.54 -2.39
CA ALA A 37 0.85 14.08 -2.74
C ALA A 37 1.93 15.13 -2.53
N THR A 38 1.52 16.39 -2.48
CA THR A 38 2.48 17.46 -2.23
C THR A 38 3.11 17.28 -0.84
N TYR A 39 2.38 16.65 0.07
CA TYR A 39 2.89 16.38 1.42
C TYR A 39 3.04 14.90 1.71
N GLY A 40 2.81 14.06 0.70
CA GLY A 40 2.84 12.62 0.85
C GLY A 40 1.80 12.07 1.82
N LYS A 41 0.66 12.76 1.93
CA LYS A 41 -0.29 12.53 3.02
C LYS A 41 -1.53 11.78 2.59
N LEU A 42 -1.84 10.71 3.30
CA LEU A 42 -3.02 9.90 3.09
C LEU A 42 -3.87 9.87 4.34
N THR A 43 -5.17 10.09 4.16
CA THR A 43 -6.15 10.00 5.24
C THR A 43 -7.27 9.10 4.75
N LEU A 44 -7.39 7.90 5.33
CA LEU A 44 -8.29 6.87 4.82
C LEU A 44 -9.02 6.16 5.96
N LYS A 45 -10.31 5.94 5.78
CA LYS A 45 -11.10 5.16 6.72
C LYS A 45 -11.67 3.94 6.00
N PHE A 46 -11.38 2.75 6.53
CA PHE A 46 -11.80 1.48 5.96
C PHE A 46 -12.88 0.85 6.78
N ILE A 47 -13.91 0.30 6.13
CA ILE A 47 -15.00 -0.37 6.81
C ILE A 47 -15.15 -1.78 6.26
N CYS A 48 -15.27 -2.76 7.14
CA CYS A 48 -15.60 -4.11 6.69
C CYS A 48 -17.10 -4.18 6.53
N THR A 49 -17.57 -4.34 5.28
CA THR A 49 -18.99 -4.21 5.02
C THR A 49 -19.71 -5.54 5.12
N THR A 50 -18.97 -6.61 5.37
CA THR A 50 -19.55 -7.94 5.47
C THR A 50 -19.67 -8.42 6.91
N GLY A 51 -19.14 -7.66 7.87
CA GLY A 51 -19.18 -8.07 9.26
C GLY A 51 -17.84 -7.80 9.92
N LYS A 52 -17.33 -8.77 10.68
CA LYS A 52 -16.03 -8.64 11.30
C LYS A 52 -14.95 -9.04 10.31
N LEU A 53 -13.84 -8.30 10.30
CA LEU A 53 -12.72 -8.66 9.44
C LEU A 53 -12.08 -9.96 9.95
N PRO A 54 -11.91 -10.97 9.07
CA PRO A 54 -11.40 -12.27 9.57
C PRO A 54 -9.87 -12.36 9.72
N VAL A 55 -9.18 -11.27 9.44
CA VAL A 55 -7.73 -11.14 9.65
C VAL A 55 -7.52 -9.82 10.37
N PRO A 56 -6.33 -9.60 10.96
CA PRO A 56 -6.11 -8.34 11.66
C PRO A 56 -6.00 -7.17 10.70
N TRP A 57 -6.60 -6.03 11.05
CA TRP A 57 -6.50 -4.83 10.23
C TRP A 57 -5.07 -4.48 9.79
N PRO A 58 -4.08 -4.53 10.71
CA PRO A 58 -2.73 -4.13 10.28
C PRO A 58 -2.17 -4.97 9.14
N THR A 59 -2.62 -6.21 8.99
CA THR A 59 -2.07 -7.05 7.93
C THR A 59 -2.49 -6.58 6.54
N LEU A 60 -3.49 -5.69 6.45
CA LEU A 60 -4.01 -5.23 5.16
C LEU A 60 -3.58 -3.81 4.79
N VAL A 61 -2.85 -3.13 5.68
CA VAL A 61 -2.45 -1.75 5.43
C VAL A 61 -1.71 -1.59 4.11
N THR A 62 -0.73 -2.44 3.81
CA THR A 62 0.02 -2.26 2.57
C THR A 62 -0.82 -2.55 1.34
N THR A 63 -1.82 -3.41 1.47
CA THR A 63 -2.67 -3.76 0.34
C THR A 63 -3.62 -2.60 0.03
N PHE A 64 -4.18 -2.00 1.07
CA PHE A 64 -5.06 -0.84 0.93
C PHE A 64 -4.30 0.34 0.36
N VAL A 66 -1.53 2.88 -2.59
CA VAL A 66 -1.73 3.99 -3.51
C VAL A 66 -0.50 4.89 -3.46
N GLN A 67 0.61 4.31 -3.91
CA GLN A 67 1.92 4.95 -3.80
C GLN A 67 2.11 6.10 -4.79
N CYS A 68 1.12 6.31 -5.65
CA CYS A 68 1.04 7.55 -6.42
C CYS A 68 0.89 8.79 -5.53
N PHE A 69 0.56 8.61 -4.25
CA PHE A 69 0.44 9.76 -3.37
C PHE A 69 1.73 10.05 -2.60
N SER A 70 2.79 9.30 -2.90
CA SER A 70 4.10 9.59 -2.30
C SER A 70 4.57 10.99 -2.65
N ARG A 71 5.24 11.64 -1.70
CA ARG A 71 5.91 12.90 -2.03
C ARG A 71 7.25 12.61 -2.68
N TYR A 72 7.36 12.93 -3.96
CA TYR A 72 8.65 12.89 -4.63
C TYR A 72 9.28 14.28 -4.62
N PRO A 73 10.46 14.41 -3.97
CA PRO A 73 11.24 15.66 -4.02
C PRO A 73 11.43 16.17 -5.44
N ASP A 74 11.49 17.49 -5.61
CA ASP A 74 11.76 18.08 -6.91
C ASP A 74 12.92 17.40 -7.62
N HIS A 75 14.00 17.14 -6.91
CA HIS A 75 15.19 16.55 -7.54
C HIS A 75 15.00 15.08 -7.93
N MET A 76 13.89 14.48 -7.49
CA MET A 76 13.60 13.09 -7.81
C MET A 76 12.37 12.94 -8.71
N LYS A 77 11.94 14.01 -9.34
CA LYS A 77 10.70 13.94 -10.13
C LYS A 77 10.77 12.94 -11.28
N ARG A 78 11.97 12.71 -11.83
CA ARG A 78 12.09 11.79 -12.95
C ARG A 78 11.94 10.33 -12.53
N HIS A 79 11.83 10.08 -11.23
CA HIS A 79 11.76 8.70 -10.72
C HIS A 79 10.38 8.29 -10.24
N ASP A 80 9.37 9.12 -10.51
CA ASP A 80 8.02 8.83 -10.02
C ASP A 80 7.21 8.03 -11.05
N PHE A 81 7.38 6.71 -11.04
CA PHE A 81 6.65 5.82 -11.91
C PHE A 81 5.15 5.95 -11.68
N PHE A 82 4.75 6.00 -10.42
CA PHE A 82 3.35 5.83 -10.05
C PHE A 82 2.47 6.91 -10.66
N LYS A 83 2.88 8.17 -10.54
CA LYS A 83 2.09 9.24 -11.13
C LYS A 83 2.17 9.22 -12.65
N SER A 84 3.30 8.78 -13.18
CA SER A 84 3.50 8.84 -14.63
C SER A 84 2.54 7.91 -15.36
N ALA A 85 2.06 6.87 -14.67
CA ALA A 85 1.14 5.89 -15.25
C ALA A 85 -0.30 6.40 -15.28
N MET A 86 -0.56 7.54 -14.64
CA MET A 86 -1.91 8.07 -14.53
C MET A 86 -2.25 8.93 -15.73
N PRO A 87 -3.54 9.04 -16.08
CA PRO A 87 -4.71 8.51 -15.36
C PRO A 87 -5.07 7.06 -15.64
N GLU A 88 -4.51 6.45 -16.68
CA GLU A 88 -4.95 5.10 -17.04
C GLU A 88 -4.56 4.07 -15.98
N GLY A 89 -3.47 4.32 -15.25
CA GLY A 89 -3.20 3.62 -14.01
C GLY A 89 -2.21 2.48 -14.11
N TYR A 90 -2.13 1.71 -13.03
CA TYR A 90 -1.22 0.57 -13.00
C TYR A 90 -1.84 -0.60 -12.27
N VAL A 91 -1.31 -1.78 -12.58
CA VAL A 91 -1.61 -3.00 -11.85
C VAL A 91 -0.55 -3.15 -10.77
N GLN A 92 -0.98 -3.50 -9.56
CA GLN A 92 -0.07 -3.79 -8.47
C GLN A 92 -0.33 -5.20 -7.98
N GLU A 93 0.65 -6.07 -8.10
CA GLU A 93 0.51 -7.46 -7.68
C GLU A 93 1.47 -7.73 -6.55
N ARG A 94 1.01 -8.44 -5.53
CA ARG A 94 1.89 -8.85 -4.44
C ARG A 94 1.68 -10.29 -3.99
N THR A 95 2.76 -10.85 -3.50
CA THR A 95 2.70 -11.97 -2.57
CA THR A 95 2.70 -11.98 -2.59
C THR A 95 3.18 -11.46 -1.23
N ILE A 96 2.42 -11.72 -0.18
CA ILE A 96 2.81 -11.36 1.18
C ILE A 96 2.90 -12.64 1.99
N SER A 97 4.11 -13.01 2.38
CA SER A 97 4.36 -14.26 3.10
CA SER A 97 4.32 -14.25 3.11
C SER A 97 4.57 -13.99 4.59
N PHE A 98 3.65 -14.48 5.42
CA PHE A 98 3.79 -14.30 6.86
C PHE A 98 4.68 -15.41 7.40
N LYS A 99 5.77 -15.03 8.06
CA LYS A 99 6.74 -16.00 8.56
C LYS A 99 6.07 -17.07 9.41
N ASP A 100 6.34 -18.34 9.07
CA ASP A 100 5.78 -19.50 9.77
C ASP A 100 4.26 -19.51 9.77
N ASP A 101 3.68 -18.92 8.73
CA ASP A 101 2.22 -18.96 8.58
C ASP A 101 1.86 -18.89 7.09
N GLY A 102 0.66 -18.40 6.77
CA GLY A 102 0.21 -18.42 5.39
C GLY A 102 0.65 -17.22 4.58
N ASN A 103 0.02 -17.06 3.42
CA ASN A 103 0.34 -15.93 2.57
C ASN A 103 -0.90 -15.32 1.96
N TYR A 104 -0.79 -14.03 1.66
CA TYR A 104 -1.77 -13.35 0.83
C TYR A 104 -1.25 -13.26 -0.61
N LYS A 105 -2.16 -13.42 -1.55
CA LYS A 105 -1.92 -13.10 -2.95
C LYS A 105 -2.86 -11.96 -3.29
N THR A 106 -2.32 -10.86 -3.81
CA THR A 106 -3.18 -9.72 -4.12
C THR A 106 -2.93 -9.22 -5.53
N ARG A 107 -4.01 -8.78 -6.18
CA ARG A 107 -3.88 -8.07 -7.44
C ARG A 107 -4.81 -6.88 -7.37
N ALA A 108 -4.28 -5.71 -7.69
CA ALA A 108 -5.04 -4.47 -7.64
C ALA A 108 -4.84 -3.70 -8.92
N GLU A 109 -5.86 -2.92 -9.29
CA GLU A 109 -5.73 -1.90 -10.30
C GLU A 109 -5.97 -0.55 -9.66
N VAL A 110 -5.03 0.37 -9.90
CA VAL A 110 -5.08 1.72 -9.36
C VAL A 110 -5.21 2.68 -10.53
N LYS A 111 -6.30 3.44 -10.59
CA LYS A 111 -6.54 4.33 -11.72
CA LYS A 111 -6.49 4.37 -11.69
C LYS A 111 -7.55 5.40 -11.34
N PHE A 112 -7.64 6.45 -12.14
CA PHE A 112 -8.67 7.46 -11.93
C PHE A 112 -10.00 7.05 -12.55
N GLU A 113 -11.06 7.28 -11.80
CA GLU A 113 -12.42 7.32 -12.32
C GLU A 113 -12.88 8.76 -12.14
N GLY A 114 -12.76 9.55 -13.19
CA GLY A 114 -12.96 10.97 -13.06
C GLY A 114 -11.96 11.56 -12.09
N ASP A 115 -12.46 12.32 -11.12
CA ASP A 115 -11.61 12.95 -10.10
C ASP A 115 -11.15 12.00 -9.00
N THR A 116 -11.75 10.82 -8.92
CA THR A 116 -11.46 9.91 -7.82
C THR A 116 -10.38 8.91 -8.18
N LEU A 117 -9.37 8.80 -7.32
CA LEU A 117 -8.36 7.76 -7.48
C LEU A 117 -8.90 6.49 -6.82
N VAL A 118 -9.00 5.41 -7.59
CA VAL A 118 -9.61 4.17 -7.14
C VAL A 118 -8.58 3.04 -7.08
N ASN A 119 -8.55 2.34 -5.97
CA ASN A 119 -7.71 1.16 -5.76
C ASN A 119 -8.63 -0.04 -5.58
N ARG A 120 -8.77 -0.87 -6.62
CA ARG A 120 -9.64 -2.05 -6.58
C ARG A 120 -8.79 -3.30 -6.44
N ILE A 121 -9.00 -4.06 -5.37
CA ILE A 121 -8.16 -5.18 -4.98
C ILE A 121 -8.90 -6.50 -4.90
N GLU A 122 -8.28 -7.57 -5.40
CA GLU A 122 -8.69 -8.95 -5.12
C GLU A 122 -7.61 -9.60 -4.27
N LEU A 123 -8.01 -10.19 -3.14
CA LEU A 123 -7.09 -10.84 -2.21
C LEU A 123 -7.52 -12.26 -1.94
N LYS A 124 -6.57 -13.19 -2.00
CA LYS A 124 -6.76 -14.57 -1.56
C LYS A 124 -5.76 -14.88 -0.44
N GLY A 125 -6.22 -15.50 0.64
CA GLY A 125 -5.33 -15.96 1.68
C GLY A 125 -5.19 -17.47 1.59
N ILE A 126 -3.96 -17.95 1.72
CA ILE A 126 -3.62 -19.35 1.51
C ILE A 126 -2.84 -19.90 2.70
N ASP A 127 -3.25 -21.07 3.20
CA ASP A 127 -2.41 -21.89 4.09
C ASP A 127 -2.13 -21.25 5.45
N PHE A 128 -3.15 -20.62 6.05
CA PHE A 128 -2.99 -20.05 7.38
C PHE A 128 -3.31 -21.02 8.50
N LYS A 129 -2.60 -20.88 9.62
CA LYS A 129 -2.86 -21.68 10.81
C LYS A 129 -4.05 -21.15 11.58
N GLU A 130 -4.96 -22.04 11.98
CA GLU A 130 -6.16 -21.63 12.70
C GLU A 130 -5.79 -20.92 14.00
N ASP A 131 -4.67 -21.35 14.57
CA ASP A 131 -4.20 -20.88 15.87
C ASP A 131 -3.13 -19.80 15.77
N GLY A 132 -2.80 -19.38 14.55
CA GLY A 132 -1.68 -18.48 14.34
C GLY A 132 -2.00 -17.04 14.68
N ASN A 133 -1.02 -16.17 14.47
CA ASN A 133 -1.18 -14.77 14.84
C ASN A 133 -2.18 -14.03 13.97
N ILE A 134 -2.40 -14.53 12.75
CA ILE A 134 -3.28 -13.85 11.82
C ILE A 134 -4.73 -14.27 12.08
N LEU A 135 -5.02 -15.55 11.90
CA LEU A 135 -6.40 -16.01 12.13
C LEU A 135 -6.80 -15.92 13.59
N GLY A 136 -5.84 -15.97 14.51
CA GLY A 136 -6.11 -15.82 15.92
C GLY A 136 -6.16 -14.38 16.43
N HIS A 137 -5.97 -13.41 15.52
CA HIS A 137 -6.01 -11.99 15.88
C HIS A 137 -5.10 -11.65 17.06
N LYS A 138 -3.81 -11.95 16.90
CA LYS A 138 -2.84 -11.74 17.96
C LYS A 138 -1.88 -10.60 17.64
N LEU A 139 -2.17 -9.84 16.58
CA LEU A 139 -1.39 -8.64 16.25
C LEU A 139 -1.82 -7.43 17.04
N GLU A 140 -0.86 -6.65 17.50
CA GLU A 140 -1.18 -5.37 18.11
C GLU A 140 -1.74 -4.41 17.06
N TYR A 141 -2.61 -3.52 17.48
CA TYR A 141 -3.21 -2.54 16.60
C TYR A 141 -2.31 -1.31 16.53
N ASN A 142 -1.22 -1.45 15.78
CA ASN A 142 -0.26 -0.37 15.59
C ASN A 142 0.54 -0.69 14.34
N TYR A 143 1.49 0.17 13.98
CA TYR A 143 2.17 0.01 12.70
C TYR A 143 3.53 0.68 12.73
N ASN A 144 4.53 0.00 12.18
CA ASN A 144 5.89 0.53 12.18
C ASN A 144 6.20 1.28 10.90
N SER A 145 7.29 2.03 10.93
CA SER A 145 7.75 2.77 9.76
C SER A 145 8.71 1.92 8.96
N HIS A 146 8.68 2.03 7.63
CA HIS A 146 9.50 1.17 6.78
C HIS A 146 10.09 1.97 5.65
N ASN A 147 11.21 1.50 5.12
CA ASN A 147 11.79 2.04 3.90
C ASN A 147 11.64 1.00 2.80
N VAL A 148 10.86 1.30 1.78
CA VAL A 148 10.58 0.37 0.71
C VAL A 148 11.44 0.69 -0.51
N TYR A 149 12.34 -0.22 -0.86
CA TYR A 149 13.24 0.03 -2.00
C TYR A 149 12.58 -0.34 -3.32
N ILE A 150 12.60 0.62 -4.25
CA ILE A 150 11.98 0.51 -5.57
C ILE A 150 13.06 0.33 -6.63
N THR A 151 12.89 -0.64 -7.51
CA THR A 151 13.77 -0.82 -8.64
C THR A 151 12.96 -0.94 -9.93
N ALA A 152 13.57 -0.55 -11.05
CA ALA A 152 12.92 -0.68 -12.34
C ALA A 152 12.93 -2.14 -12.80
N ASP A 153 11.87 -2.50 -13.50
CA ASP A 153 11.74 -3.79 -14.19
C ASP A 153 11.50 -3.48 -15.65
N LYS A 154 12.54 -3.07 -16.38
CA LYS A 154 12.32 -2.39 -17.64
C LYS A 154 11.80 -3.31 -18.75
N GLN A 155 12.15 -4.60 -18.70
CA GLN A 155 11.64 -5.52 -19.70
C GLN A 155 10.15 -5.77 -19.53
N LYS A 156 9.64 -5.49 -18.33
CA LYS A 156 8.22 -5.60 -18.07
C LYS A 156 7.58 -4.21 -18.04
N ASN A 157 8.38 -3.19 -18.35
CA ASN A 157 7.92 -1.80 -18.42
C ASN A 157 7.33 -1.31 -17.10
N GLY A 158 7.92 -1.75 -15.99
CA GLY A 158 7.38 -1.38 -14.70
C GLY A 158 8.40 -1.33 -13.59
N ILE A 159 7.95 -1.54 -12.36
CA ILE A 159 8.82 -1.51 -11.19
CA ILE A 159 8.84 -1.53 -11.21
C ILE A 159 8.56 -2.73 -10.32
N LYS A 160 9.50 -2.98 -9.41
CA LYS A 160 9.35 -4.05 -8.42
C LYS A 160 9.89 -3.58 -7.10
N ALA A 161 9.50 -4.28 -6.04
CA ALA A 161 10.00 -3.99 -4.70
C ALA A 161 9.86 -5.24 -3.87
N ASN A 162 10.81 -5.52 -3.00
CA ASN A 162 10.56 -6.50 -1.96
C ASN A 162 11.03 -5.93 -0.64
N PHE A 163 10.23 -6.19 0.39
CA PHE A 163 10.43 -5.57 1.70
C PHE A 163 9.71 -6.39 2.75
N LYS A 164 10.25 -6.38 3.95
CA LYS A 164 9.65 -7.09 5.08
C LYS A 164 8.97 -6.12 6.04
N ILE A 165 7.66 -6.26 6.21
CA ILE A 165 6.92 -5.48 7.16
C ILE A 165 7.01 -6.13 8.54
N ARG A 166 7.25 -5.30 9.55
CA ARG A 166 7.33 -5.78 10.93
C ARG A 166 6.00 -5.57 11.64
N HIS A 167 5.33 -6.66 12.03
CA HIS A 167 4.08 -6.57 12.78
C HIS A 167 4.31 -6.93 14.25
N ASN A 168 4.03 -6.00 15.15
CA ASN A 168 4.14 -6.31 16.56
C ASN A 168 3.06 -7.29 17.00
N ILE A 169 3.46 -8.31 17.74
CA ILE A 169 2.55 -9.35 18.23
C ILE A 169 2.28 -9.16 19.72
N GLU A 170 1.10 -9.56 20.18
CA GLU A 170 0.72 -9.38 21.58
CA GLU A 170 0.73 -9.36 21.58
C GLU A 170 1.61 -10.16 22.56
N ASP A 171 2.43 -11.08 22.04
CA ASP A 171 3.34 -11.85 22.89
C ASP A 171 4.73 -11.21 22.99
N GLY A 172 4.87 -9.99 22.51
CA GLY A 172 6.11 -9.27 22.61
C GLY A 172 7.07 -9.50 21.46
N SER A 173 6.72 -10.43 20.57
CA SER A 173 7.55 -10.70 19.41
C SER A 173 7.14 -9.83 18.24
N VAL A 174 7.92 -9.92 17.16
CA VAL A 174 7.65 -9.22 15.92
C VAL A 174 7.60 -10.24 14.80
N GLN A 175 6.49 -10.24 14.06
CA GLN A 175 6.31 -11.18 12.97
C GLN A 175 6.49 -10.48 11.64
N LEU A 176 7.29 -11.08 10.77
CA LEU A 176 7.60 -10.47 9.50
C LEU A 176 6.62 -10.91 8.43
N ALA A 177 6.20 -9.95 7.63
CA ALA A 177 5.39 -10.19 6.45
C ALA A 177 6.22 -9.80 5.23
N ASP A 178 6.70 -10.80 4.51
CA ASP A 178 7.64 -10.58 3.41
C ASP A 178 6.86 -10.26 2.14
N HIS A 179 7.02 -9.03 1.67
CA HIS A 179 6.30 -8.54 0.49
C HIS A 179 7.14 -8.63 -0.78
N TYR A 180 6.59 -9.25 -1.81
CA TYR A 180 7.16 -9.14 -3.15
C TYR A 180 6.12 -8.47 -4.05
N GLN A 181 6.50 -7.35 -4.64
CA GLN A 181 5.59 -6.45 -5.33
C GLN A 181 6.06 -6.20 -6.77
N GLN A 182 5.12 -6.19 -7.69
CA GLN A 182 5.36 -5.81 -9.08
C GLN A 182 4.27 -4.85 -9.53
N ASN A 183 4.64 -3.79 -10.24
CA ASN A 183 3.70 -2.83 -10.80
C ASN A 183 3.94 -2.66 -12.27
N THR A 184 2.87 -2.63 -13.05
CA THR A 184 2.96 -2.43 -14.48
CA THR A 184 2.91 -2.52 -14.50
C THR A 184 1.85 -1.52 -14.95
N PRO A 185 2.16 -0.67 -15.94
CA PRO A 185 1.13 0.25 -16.43
C PRO A 185 -0.03 -0.48 -17.08
N ILE A 186 -1.22 0.09 -16.93
CA ILE A 186 -2.40 -0.41 -17.62
C ILE A 186 -2.42 0.10 -19.06
N GLY A 187 -2.03 1.35 -19.25
CA GLY A 187 -2.05 1.95 -20.58
C GLY A 187 -0.76 1.76 -21.35
N ASP A 188 -0.77 2.22 -22.61
CA ASP A 188 0.40 2.08 -23.47
C ASP A 188 1.24 3.35 -23.53
N GLY A 189 0.76 4.41 -22.88
CA GLY A 189 1.52 5.65 -22.82
C GLY A 189 2.81 5.43 -22.06
N PRO A 190 3.91 6.01 -22.54
CA PRO A 190 5.20 5.84 -21.86
C PRO A 190 5.17 6.28 -20.40
N VAL A 191 5.88 5.54 -19.56
CA VAL A 191 5.96 5.84 -18.14
C VAL A 191 7.41 6.15 -17.76
N LEU A 192 7.60 6.69 -16.57
CA LEU A 192 8.94 6.91 -16.04
C LEU A 192 9.42 5.65 -15.34
N LEU A 193 10.56 5.12 -15.79
CA LEU A 193 11.17 3.99 -15.10
C LEU A 193 12.31 4.54 -14.26
N PRO A 194 12.23 4.35 -12.94
CA PRO A 194 13.09 5.07 -12.01
C PRO A 194 14.46 4.44 -11.80
N ASP A 195 15.44 5.27 -11.45
CA ASP A 195 16.64 4.78 -10.79
C ASP A 195 16.27 4.21 -9.42
N ASN A 196 17.11 3.35 -8.86
CA ASN A 196 16.89 2.82 -7.53
C ASN A 196 16.71 3.91 -6.49
N HIS A 197 15.71 3.76 -5.64
CA HIS A 197 15.46 4.71 -4.57
C HIS A 197 14.59 4.02 -3.54
N TYR A 198 14.14 4.74 -2.52
CA TYR A 198 13.21 4.11 -1.60
C TYR A 198 12.12 5.07 -1.18
N LEU A 199 11.04 4.50 -0.67
CA LEU A 199 9.93 5.25 -0.10
C LEU A 199 9.97 5.09 1.41
N SER A 200 10.08 6.21 2.10
CA SER A 200 10.06 6.24 3.57
C SER A 200 8.61 6.41 4.01
N THR A 201 8.09 5.43 4.71
CA THR A 201 6.68 5.36 5.08
CA THR A 201 6.69 5.46 5.07
C THR A 201 6.47 5.38 6.58
N GLN A 202 5.41 6.04 7.04
CA GLN A 202 5.03 6.02 8.44
C GLN A 202 3.52 5.99 8.47
N SER A 203 2.96 5.24 9.42
CA SER A 203 1.52 5.02 9.45
C SER A 203 1.01 5.01 10.88
N LYS A 204 -0.13 5.66 11.10
CA LYS A 204 -0.79 5.68 12.39
C LYS A 204 -2.18 5.09 12.24
N LEU A 205 -2.52 4.12 13.10
CA LEU A 205 -3.83 3.47 13.04
C LEU A 205 -4.67 3.92 14.21
N SER A 206 -5.96 4.16 13.98
CA SER A 206 -6.84 4.59 15.05
C SER A 206 -8.26 4.11 14.79
N LYS A 207 -9.16 4.47 15.69
CA LYS A 207 -10.56 4.12 15.61
C LYS A 207 -11.43 5.36 15.67
N ASP A 208 -12.55 5.29 14.96
CA ASP A 208 -13.59 6.31 14.96
C ASP A 208 -14.54 6.00 16.12
N PRO A 209 -14.59 6.86 17.15
CA PRO A 209 -15.40 6.58 18.33
C PRO A 209 -16.92 6.57 18.07
N ASN A 210 -17.34 6.98 16.88
CA ASN A 210 -18.76 6.94 16.54
C ASN A 210 -19.10 5.86 15.51
N GLU A 211 -18.14 4.99 15.21
CA GLU A 211 -18.35 3.98 14.20
C GLU A 211 -18.65 2.61 14.80
N LYS A 212 -19.83 2.08 14.51
CA LYS A 212 -20.26 0.78 15.01
C LYS A 212 -19.69 -0.41 14.24
N ARG A 213 -19.39 -0.20 12.96
CA ARG A 213 -18.88 -1.29 12.13
C ARG A 213 -17.41 -1.53 12.38
N ASP A 214 -16.94 -2.74 12.07
CA ASP A 214 -15.52 -3.03 12.18
C ASP A 214 -14.78 -2.18 11.15
N HIS A 215 -13.73 -1.48 11.60
CA HIS A 215 -13.13 -0.45 10.76
C HIS A 215 -11.70 -0.11 11.19
N MET A 216 -11.01 0.65 10.33
CA MET A 216 -9.67 1.15 10.62
C MET A 216 -9.53 2.56 10.07
N VAL A 217 -9.00 3.47 10.88
CA VAL A 217 -8.62 4.81 10.42
C VAL A 217 -7.12 4.84 10.24
N LEU A 218 -6.68 5.29 9.07
CA LEU A 218 -5.28 5.28 8.69
C LEU A 218 -4.81 6.68 8.33
N LEU A 219 -3.72 7.13 8.97
CA LEU A 219 -3.05 8.39 8.64
C LEU A 219 -1.63 8.04 8.28
N GLU A 220 -1.26 8.28 7.03
CA GLU A 220 0.01 7.78 6.51
C GLU A 220 0.73 8.89 5.77
N PHE A 221 2.06 8.91 5.91
CA PHE A 221 2.92 9.81 5.14
C PHE A 221 4.01 9.04 4.46
N VAL A 222 4.20 9.31 3.17
CA VAL A 222 5.22 8.62 2.39
C VAL A 222 6.05 9.63 1.62
N THR A 223 7.36 9.49 1.71
CA THR A 223 8.30 10.38 1.02
C THR A 223 9.35 9.57 0.28
N ALA A 224 9.54 9.87 -0.99
CA ALA A 224 10.62 9.25 -1.74
C ALA A 224 11.95 9.83 -1.31
N ALA A 225 12.98 8.98 -1.29
CA ALA A 225 14.28 9.40 -0.82
C ALA A 225 15.41 8.57 -1.42
N GLY A 226 16.64 8.95 -1.09
CA GLY A 226 17.81 8.17 -1.41
C GLY A 226 18.70 8.74 -2.51
N ILE A 227 18.22 9.76 -3.21
CA ILE A 227 19.04 10.45 -4.21
C ILE A 227 19.57 11.75 -3.59
N THR A 228 20.78 11.72 -3.05
CA THR A 228 21.26 12.79 -2.18
C THR A 228 22.57 13.47 -2.59
N HIS A 229 23.41 12.84 -3.40
CA HIS A 229 24.75 13.39 -3.54
C HIS A 229 24.75 14.75 -4.28
N GLY A 230 23.90 14.89 -5.29
CA GLY A 230 23.83 16.11 -6.07
C GLY A 230 23.39 17.30 -5.24
N MET A 231 22.36 17.11 -4.42
CA MET A 231 21.89 18.19 -3.58
CA MET A 231 21.87 18.16 -3.55
C MET A 231 22.90 18.47 -2.46
N ASP A 232 23.50 17.43 -1.89
CA ASP A 232 24.48 17.61 -0.83
C ASP A 232 25.67 18.46 -1.28
N GLU A 233 26.06 18.33 -2.55
CA GLU A 233 27.17 19.10 -3.11
C GLU A 233 26.93 20.61 -3.03
N LEU A 234 25.68 21.04 -3.06
CA LEU A 234 25.36 22.47 -3.03
C LEU A 234 25.75 23.13 -1.71
N TYR A 235 25.98 22.32 -0.67
CA TYR A 235 26.17 22.87 0.68
C TYR A 235 27.55 22.57 1.24
#